data_5LEE
#
_entry.id   5LEE
#
_cell.length_a   69.260
_cell.length_b   69.260
_cell.length_c   230.490
_cell.angle_alpha   90.00
_cell.angle_beta   90.00
_cell.angle_gamma   120.00
#
_symmetry.space_group_name_H-M   'P 32 2 1'
#
_entity_poly.entity_id   1
_entity_poly.type   'polypeptide(L)'
_entity_poly.pdbx_seq_one_letter_code
;MRGSHHHHHHGSDLGKKLLEAARAGQDDEVRILLANGADVNTADETGFTPLHLAAWEGHLGIVEVLLKNGADVNANDERG
HTPLHLAAYTGHLEIVEVLLKNGAGVNATDVIGTAPLHLAAMWGHLEIVEVLLKNGAAVGAQDKFGKTPKDLARDNGNQW
IYELLEKAEKDLRRKLLEAARAGHREEVEKLIKLGADVNTADETGFTPLHLAAWEGHLGIVEVLLKNGADVNANDERGHT
PLHLAAYTGHLEIVEVLLKNGAGVNATDVIGTAPLHLAAMWGHLEIVEVLLKNGAAVGAQDKFGKTPKDLARDNGNQWIY
ELLEKAEKDLRRKLLEAARAGHREEVEKLIKLGADVNTADETGFTPLHLAAWEGHLGIVEVLLKNGADVNANDERGHTPL
HLAAYTGHLEIVEVLLKNGAGVNATDVIGTAPLHLAAMWGHLEIVEVLLKNGADVNAQDKFGKTPFDLAIDNGNEDIAEV
LQKAA
;
_entity_poly.pdbx_strand_id   A
#
# COMPACT_ATOMS: atom_id res chain seq x y z
N SER A 12 11.45 -52.59 18.78
CA SER A 12 12.27 -53.68 19.30
C SER A 12 11.97 -53.93 20.76
N ASP A 13 12.17 -55.18 21.20
CA ASP A 13 11.97 -55.51 22.61
C ASP A 13 12.89 -54.70 23.51
N LEU A 14 14.09 -54.40 23.04
CA LEU A 14 15.05 -53.63 23.83
C LEU A 14 14.74 -52.13 23.82
N GLY A 15 13.90 -51.67 22.89
CA GLY A 15 13.54 -50.26 22.82
C GLY A 15 12.51 -49.87 23.85
N LYS A 16 11.51 -50.73 24.08
CA LYS A 16 10.48 -50.43 25.06
C LYS A 16 11.03 -50.49 26.48
N LYS A 17 12.04 -51.32 26.72
CA LYS A 17 12.66 -51.39 28.04
C LYS A 17 13.37 -50.09 28.39
N LEU A 18 13.79 -49.31 27.40
CA LEU A 18 14.39 -48.00 27.67
C LEU A 18 13.33 -46.96 27.97
N LEU A 19 12.17 -47.05 27.30
CA LEU A 19 11.10 -46.09 27.53
C LEU A 19 10.54 -46.22 28.94
N GLU A 20 10.26 -47.45 29.37
CA GLU A 20 9.72 -47.66 30.71
C GLU A 20 10.76 -47.35 31.79
N ALA A 21 12.03 -47.60 31.51
CA ALA A 21 13.08 -47.27 32.47
C ALA A 21 13.19 -45.76 32.67
N ALA A 22 12.96 -44.97 31.61
CA ALA A 22 12.96 -43.52 31.76
C ALA A 22 11.71 -43.05 32.47
N ARG A 23 10.55 -43.61 32.13
CA ARG A 23 9.31 -43.27 32.82
C ARG A 23 9.35 -43.71 34.28
N ALA A 24 10.03 -44.81 34.58
CA ALA A 24 10.09 -45.32 35.95
C ALA A 24 11.13 -44.58 36.78
N GLY A 25 12.18 -44.06 36.15
CA GLY A 25 13.20 -43.30 36.86
C GLY A 25 14.37 -44.10 37.38
N GLN A 26 14.50 -45.36 36.99
CA GLN A 26 15.61 -46.19 37.45
C GLN A 26 16.84 -45.86 36.61
N ASP A 27 17.69 -44.97 37.13
CA ASP A 27 18.86 -44.52 36.39
C ASP A 27 19.68 -45.69 35.86
N ASP A 28 20.00 -46.65 36.72
CA ASP A 28 20.91 -47.73 36.33
C ASP A 28 20.34 -48.55 35.18
N GLU A 29 19.06 -48.88 35.22
CA GLU A 29 18.45 -49.63 34.11
C GLU A 29 18.65 -48.91 32.79
N VAL A 30 18.59 -47.58 32.80
CA VAL A 30 18.75 -46.81 31.58
C VAL A 30 20.19 -46.88 31.09
N ARG A 31 21.16 -46.88 32.02
CA ARG A 31 22.55 -46.72 31.64
C ARG A 31 23.07 -47.93 30.87
N ILE A 32 22.65 -49.13 31.26
CA ILE A 32 23.13 -50.35 30.60
C ILE A 32 22.61 -50.41 29.18
N LEU A 33 21.28 -50.35 29.04
CA LEU A 33 20.63 -50.46 27.75
C LEU A 33 21.44 -49.70 26.70
N LEU A 34 21.87 -48.49 27.06
CA LEU A 34 22.70 -47.70 26.15
C LEU A 34 24.04 -48.38 25.89
N ALA A 35 24.66 -48.94 26.93
CA ALA A 35 25.98 -49.55 26.77
C ALA A 35 25.93 -50.82 25.94
N ASN A 36 24.82 -51.54 25.96
CA ASN A 36 24.66 -52.77 25.19
C ASN A 36 23.87 -52.56 23.90
N GLY A 37 24.13 -51.45 23.23
CA GLY A 37 23.47 -51.16 21.97
C GLY A 37 21.99 -50.84 22.08
N ALA A 38 21.66 -49.63 22.49
CA ALA A 38 20.28 -49.18 22.51
C ALA A 38 20.16 -47.86 21.78
N ASP A 39 19.06 -47.69 21.05
CA ASP A 39 18.79 -46.46 20.34
C ASP A 39 18.25 -45.42 21.32
N VAL A 40 19.07 -44.40 21.62
CA VAL A 40 18.66 -43.37 22.58
C VAL A 40 17.48 -42.57 22.05
N ASN A 41 17.22 -42.59 20.75
CA ASN A 41 16.09 -41.90 20.14
C ASN A 41 14.96 -42.86 19.80
N THR A 42 14.72 -43.85 20.66
CA THR A 42 13.56 -44.73 20.50
C THR A 42 12.28 -43.92 20.64
N ALA A 43 11.22 -44.38 19.96
CA ALA A 43 9.98 -43.63 19.88
C ALA A 43 8.79 -44.48 20.31
N ASP A 44 7.83 -43.81 20.93
CA ASP A 44 6.57 -44.42 21.34
C ASP A 44 5.54 -44.30 20.22
N GLU A 45 4.48 -45.12 20.31
CA GLU A 45 3.42 -45.09 19.31
C GLU A 45 2.88 -43.68 19.09
N THR A 46 2.88 -42.85 20.15
CA THR A 46 2.43 -41.47 20.04
C THR A 46 3.56 -40.51 19.67
N GLY A 47 4.82 -40.96 19.72
CA GLY A 47 5.95 -40.12 19.40
C GLY A 47 6.82 -39.75 20.57
N PHE A 48 6.49 -40.22 21.79
CA PHE A 48 7.30 -39.92 22.96
C PHE A 48 8.61 -40.71 22.91
N THR A 49 9.73 -40.00 22.93
CA THR A 49 11.03 -40.62 23.12
C THR A 49 11.37 -40.64 24.61
N PRO A 50 12.30 -41.49 25.04
CA PRO A 50 12.60 -41.56 26.48
C PRO A 50 13.05 -40.23 27.07
N LEU A 51 13.38 -39.24 26.24
CA LEU A 51 13.65 -37.91 26.75
C LEU A 51 12.36 -37.17 27.08
N HIS A 52 11.31 -37.34 26.26
CA HIS A 52 9.99 -36.85 26.62
C HIS A 52 9.58 -37.38 28.00
N LEU A 53 9.63 -38.70 28.16
CA LEU A 53 9.16 -39.32 29.40
C LEU A 53 9.97 -38.87 30.60
N ALA A 54 11.29 -38.73 30.43
CA ALA A 54 12.14 -38.29 31.54
C ALA A 54 11.86 -36.85 31.91
N ALA A 55 11.51 -36.00 30.94
CA ALA A 55 11.15 -34.61 31.25
C ALA A 55 9.77 -34.53 31.88
N TRP A 56 8.86 -35.41 31.48
CA TRP A 56 7.51 -35.39 32.04
C TRP A 56 7.51 -35.79 33.52
N GLU A 57 8.17 -36.90 33.84
CA GLU A 57 8.19 -37.40 35.21
C GLU A 57 9.15 -36.64 36.12
N GLY A 58 10.05 -35.82 35.56
CA GLY A 58 10.93 -35.00 36.37
C GLY A 58 12.15 -35.75 36.87
N HIS A 59 12.80 -36.49 35.98
CA HIS A 59 13.98 -37.28 36.32
C HIS A 59 15.21 -36.56 35.75
N LEU A 60 15.63 -35.51 36.44
CA LEU A 60 16.78 -34.72 35.99
C LEU A 60 17.97 -35.61 35.67
N GLY A 61 18.27 -36.57 36.54
CA GLY A 61 19.41 -37.44 36.31
C GLY A 61 19.36 -38.15 34.97
N ILE A 62 18.20 -38.70 34.63
CA ILE A 62 18.07 -39.46 33.39
C ILE A 62 18.00 -38.54 32.18
N VAL A 63 17.57 -37.29 32.35
CA VAL A 63 17.58 -36.35 31.24
C VAL A 63 19.02 -36.11 30.79
N GLU A 64 19.92 -35.91 31.75
CA GLU A 64 21.31 -35.62 31.42
C GLU A 64 22.00 -36.84 30.81
N VAL A 65 21.64 -38.05 31.27
CA VAL A 65 22.25 -39.26 30.73
C VAL A 65 21.82 -39.47 29.28
N LEU A 66 20.54 -39.20 28.98
CA LEU A 66 20.05 -39.35 27.62
C LEU A 66 20.74 -38.36 26.69
N LEU A 67 20.99 -37.13 27.17
CA LEU A 67 21.70 -36.14 26.37
C LEU A 67 23.19 -36.45 26.26
N LYS A 68 23.74 -37.22 27.21
CA LYS A 68 25.13 -37.63 27.10
C LYS A 68 25.36 -38.51 25.88
N ASN A 69 24.44 -39.47 25.66
CA ASN A 69 24.56 -40.42 24.56
C ASN A 69 23.93 -39.92 23.27
N GLY A 70 23.60 -38.64 23.19
CA GLY A 70 23.11 -38.06 21.95
C GLY A 70 21.62 -38.11 21.74
N ALA A 71 20.82 -38.00 22.80
CA ALA A 71 19.37 -37.92 22.64
C ALA A 71 19.01 -36.61 21.95
N ASP A 72 18.13 -36.69 20.95
CA ASP A 72 17.71 -35.51 20.22
C ASP A 72 16.91 -34.60 21.15
N VAL A 73 17.48 -33.42 21.44
CA VAL A 73 16.84 -32.52 22.41
C VAL A 73 15.55 -31.93 21.84
N ASN A 74 15.45 -31.83 20.52
CA ASN A 74 14.29 -31.23 19.86
C ASN A 74 13.39 -32.28 19.22
N ALA A 75 13.39 -33.50 19.76
CA ALA A 75 12.56 -34.55 19.21
C ALA A 75 11.08 -34.19 19.35
N ASN A 76 10.35 -34.32 18.24
CA ASN A 76 8.91 -34.07 18.21
C ASN A 76 8.16 -35.39 18.22
N ASP A 77 7.04 -35.42 18.93
CA ASP A 77 6.13 -36.55 18.86
C ASP A 77 5.24 -36.39 17.64
N GLU A 78 4.23 -37.25 17.51
CA GLU A 78 3.26 -37.12 16.42
C GLU A 78 2.48 -35.81 16.47
N ARG A 79 2.63 -35.03 17.54
CA ARG A 79 1.77 -33.88 17.79
C ARG A 79 2.52 -32.57 17.93
N GLY A 80 3.84 -32.57 17.76
CA GLY A 80 4.61 -31.34 17.82
C GLY A 80 5.17 -30.99 19.19
N HIS A 81 4.83 -31.74 20.22
CA HIS A 81 5.34 -31.46 21.56
C HIS A 81 6.75 -32.01 21.70
N THR A 82 7.64 -31.19 22.25
CA THR A 82 9.02 -31.55 22.52
C THR A 82 9.25 -31.66 24.02
N PRO A 83 10.38 -32.21 24.45
CA PRO A 83 10.65 -32.28 25.88
C PRO A 83 10.53 -30.93 26.57
N LEU A 84 10.87 -29.84 25.89
CA LEU A 84 10.78 -28.52 26.51
C LEU A 84 9.33 -28.16 26.80
N HIS A 85 8.40 -28.54 25.92
CA HIS A 85 6.98 -28.39 26.23
C HIS A 85 6.64 -29.09 27.54
N LEU A 86 6.99 -30.38 27.65
CA LEU A 86 6.59 -31.17 28.81
C LEU A 86 7.20 -30.62 30.09
N ALA A 87 8.44 -30.15 30.02
CA ALA A 87 9.09 -29.63 31.23
C ALA A 87 8.48 -28.30 31.65
N ALA A 88 8.16 -27.43 30.68
CA ALA A 88 7.50 -26.16 31.00
C ALA A 88 6.08 -26.39 31.50
N TYR A 89 5.39 -27.40 30.97
CA TYR A 89 4.02 -27.69 31.38
C TYR A 89 3.98 -28.20 32.82
N THR A 90 4.80 -29.21 33.14
CA THR A 90 4.82 -29.73 34.51
C THR A 90 5.43 -28.73 35.47
N GLY A 91 6.40 -27.95 35.03
CA GLY A 91 7.00 -26.91 35.83
C GLY A 91 8.34 -27.28 36.45
N HIS A 92 9.11 -28.15 35.83
CA HIS A 92 10.41 -28.55 36.38
C HIS A 92 11.45 -27.54 35.89
N LEU A 93 11.70 -26.53 36.73
CA LEU A 93 12.65 -25.49 36.38
C LEU A 93 14.00 -26.05 35.99
N GLU A 94 14.48 -27.05 36.74
CA GLU A 94 15.82 -27.58 36.50
C GLU A 94 15.92 -28.21 35.12
N ILE A 95 15.00 -29.12 34.78
CA ILE A 95 15.06 -29.77 33.48
C ILE A 95 14.92 -28.76 32.35
N VAL A 96 14.15 -27.70 32.56
CA VAL A 96 14.02 -26.67 31.53
C VAL A 96 15.38 -26.06 31.23
N GLU A 97 16.13 -25.71 32.28
CA GLU A 97 17.43 -25.08 32.10
C GLU A 97 18.42 -26.02 31.44
N VAL A 98 18.32 -27.32 31.72
CA VAL A 98 19.23 -28.29 31.10
C VAL A 98 18.90 -28.45 29.62
N LEU A 99 17.61 -28.58 29.29
CA LEU A 99 17.23 -28.73 27.89
C LEU A 99 17.73 -27.55 27.06
N LEU A 100 17.50 -26.32 27.54
CA LEU A 100 17.96 -25.14 26.83
C LEU A 100 19.48 -25.09 26.78
N LYS A 101 20.15 -25.64 27.80
CA LYS A 101 21.61 -25.73 27.78
C LYS A 101 22.10 -26.64 26.66
N ASN A 102 21.27 -27.56 26.20
CA ASN A 102 21.65 -28.54 25.19
C ASN A 102 21.02 -28.25 23.83
N GLY A 103 20.53 -27.03 23.60
CA GLY A 103 20.08 -26.62 22.29
C GLY A 103 18.61 -26.81 22.02
N ALA A 104 17.77 -26.87 23.04
CA ALA A 104 16.33 -26.99 22.82
C ALA A 104 15.79 -25.73 22.16
N GLY A 105 14.78 -25.91 21.32
CA GLY A 105 14.17 -24.80 20.61
C GLY A 105 13.16 -24.05 21.47
N VAL A 106 13.54 -22.84 21.91
CA VAL A 106 12.74 -22.11 22.89
C VAL A 106 11.37 -21.73 22.33
N ASN A 107 11.26 -21.59 21.00
CA ASN A 107 10.05 -21.10 20.37
C ASN A 107 9.31 -22.19 19.58
N ALA A 108 9.50 -23.45 19.96
CA ALA A 108 8.80 -24.53 19.29
C ALA A 108 7.30 -24.44 19.56
N THR A 109 6.51 -24.82 18.58
CA THR A 109 5.06 -24.81 18.67
C THR A 109 4.50 -26.19 18.33
N ASP A 110 3.40 -26.54 18.97
CA ASP A 110 2.70 -27.77 18.66
C ASP A 110 1.69 -27.50 17.54
N VAL A 111 0.80 -28.46 17.28
CA VAL A 111 -0.17 -28.29 16.21
C VAL A 111 -1.24 -27.26 16.56
N ILE A 112 -1.43 -26.97 17.85
CA ILE A 112 -2.37 -25.94 18.27
C ILE A 112 -1.74 -24.56 18.26
N GLY A 113 -0.45 -24.45 17.94
CA GLY A 113 0.22 -23.18 17.97
C GLY A 113 0.74 -22.79 19.34
N THR A 114 0.82 -23.74 20.26
CA THR A 114 1.20 -23.46 21.64
C THR A 114 2.70 -23.71 21.83
N ALA A 115 3.35 -22.81 22.57
CA ALA A 115 4.78 -22.87 22.81
C ALA A 115 5.06 -23.02 24.30
N PRO A 116 6.30 -23.29 24.69
CA PRO A 116 6.60 -23.38 26.14
C PRO A 116 6.22 -22.13 26.91
N LEU A 117 6.28 -20.95 26.27
CA LEU A 117 5.95 -19.72 26.99
C LEU A 117 4.46 -19.65 27.28
N HIS A 118 3.62 -20.13 26.36
CA HIS A 118 2.19 -20.25 26.63
C HIS A 118 1.97 -21.09 27.89
N LEU A 119 2.51 -22.31 27.89
CA LEU A 119 2.31 -23.21 29.02
C LEU A 119 2.77 -22.58 30.34
N ALA A 120 4.03 -22.13 30.38
CA ALA A 120 4.57 -21.56 31.60
C ALA A 120 3.72 -20.38 32.09
N ALA A 121 3.34 -19.49 31.18
CA ALA A 121 2.53 -18.34 31.56
C ALA A 121 1.13 -18.75 31.96
N MET A 122 0.57 -19.76 31.28
CA MET A 122 -0.78 -20.21 31.59
C MET A 122 -0.87 -20.82 32.99
N TRP A 123 0.13 -21.62 33.36
CA TRP A 123 0.11 -22.34 34.63
C TRP A 123 0.78 -21.58 35.76
N GLY A 124 1.29 -20.37 35.51
CA GLY A 124 1.88 -19.59 36.57
C GLY A 124 3.28 -20.02 36.97
N HIS A 125 4.00 -20.69 36.08
CA HIS A 125 5.38 -21.10 36.37
C HIS A 125 6.28 -19.90 36.11
N LEU A 126 6.39 -19.04 37.11
CA LEU A 126 7.07 -17.76 36.95
C LEU A 126 8.53 -17.94 36.56
N GLU A 127 9.31 -18.58 37.43
CA GLU A 127 10.74 -18.72 37.17
C GLU A 127 11.03 -19.35 35.81
N ILE A 128 10.09 -20.14 35.29
CA ILE A 128 10.26 -20.69 33.95
C ILE A 128 9.99 -19.63 32.90
N VAL A 129 8.97 -18.80 33.09
CA VAL A 129 8.72 -17.69 32.18
C VAL A 129 9.96 -16.79 32.10
N GLU A 130 10.57 -16.51 33.26
CA GLU A 130 11.81 -15.75 33.26
C GLU A 130 12.89 -16.45 32.45
N VAL A 131 13.17 -17.71 32.77
CA VAL A 131 14.22 -18.45 32.08
C VAL A 131 13.94 -18.48 30.58
N LEU A 132 12.69 -18.78 30.20
CA LEU A 132 12.36 -18.87 28.78
C LEU A 132 12.65 -17.56 28.07
N LEU A 133 12.27 -16.43 28.67
CA LEU A 133 12.55 -15.13 28.06
C LEU A 133 14.04 -14.87 28.01
N LYS A 134 14.76 -15.19 29.10
CA LYS A 134 16.21 -15.04 29.11
C LYS A 134 16.87 -15.84 27.99
N ASN A 135 16.21 -16.88 27.48
CA ASN A 135 16.74 -17.71 26.40
C ASN A 135 16.10 -17.39 25.07
N GLY A 136 15.43 -16.26 24.94
CA GLY A 136 14.96 -15.79 23.65
C GLY A 136 13.55 -16.20 23.28
N ALA A 137 12.67 -16.43 24.26
CA ALA A 137 11.28 -16.75 23.95
C ALA A 137 10.57 -15.52 23.40
N ALA A 138 9.72 -15.74 22.40
CA ALA A 138 8.98 -14.66 21.76
C ALA A 138 7.71 -14.38 22.55
N VAL A 139 7.49 -13.10 22.85
CA VAL A 139 6.42 -12.73 23.77
C VAL A 139 5.05 -12.73 23.08
N GLY A 140 5.00 -12.32 21.81
CA GLY A 140 3.73 -12.07 21.16
C GLY A 140 3.23 -13.20 20.26
N ALA A 141 3.66 -14.43 20.51
CA ALA A 141 3.20 -15.56 19.71
C ALA A 141 1.76 -15.90 20.06
N GLN A 142 0.95 -16.13 19.03
CA GLN A 142 -0.47 -16.43 19.20
C GLN A 142 -0.75 -17.88 18.84
N ASP A 143 -1.69 -18.49 19.57
CA ASP A 143 -2.18 -19.82 19.25
C ASP A 143 -3.38 -19.70 18.32
N LYS A 144 -4.00 -20.85 17.99
CA LYS A 144 -5.13 -20.84 17.07
C LYS A 144 -6.27 -19.97 17.60
N PHE A 145 -6.38 -19.82 18.92
CA PHE A 145 -7.40 -18.96 19.51
C PHE A 145 -6.99 -17.50 19.54
N GLY A 146 -5.83 -17.15 19.01
CA GLY A 146 -5.36 -15.78 19.07
C GLY A 146 -4.91 -15.34 20.44
N LYS A 147 -4.54 -16.28 21.30
CA LYS A 147 -4.14 -15.99 22.67
C LYS A 147 -2.62 -16.00 22.77
N THR A 148 -2.04 -14.90 23.21
CA THR A 148 -0.63 -14.85 23.52
C THR A 148 -0.40 -15.29 24.95
N PRO A 149 0.83 -15.69 25.31
CA PRO A 149 1.10 -16.04 26.71
C PRO A 149 0.62 -14.98 27.68
N LYS A 150 0.73 -13.70 27.29
CA LYS A 150 0.21 -12.62 28.11
C LYS A 150 -1.30 -12.76 28.31
N ASP A 151 -2.03 -13.08 27.23
CA ASP A 151 -3.48 -13.26 27.33
C ASP A 151 -3.82 -14.46 28.21
N LEU A 152 -3.16 -15.59 27.98
CA LEU A 152 -3.41 -16.77 28.80
C LEU A 152 -3.18 -16.48 30.27
N ALA A 153 -2.12 -15.74 30.59
CA ALA A 153 -1.86 -15.36 31.97
C ALA A 153 -2.99 -14.51 32.53
N ARG A 154 -3.48 -13.55 31.74
CA ARG A 154 -4.58 -12.71 32.19
C ARG A 154 -5.87 -13.50 32.29
N ASP A 155 -6.11 -14.41 31.33
CA ASP A 155 -7.33 -15.21 31.37
C ASP A 155 -7.37 -16.12 32.58
N ASN A 156 -6.23 -16.76 32.91
CA ASN A 156 -6.21 -17.71 34.00
C ASN A 156 -6.25 -17.00 35.35
N GLY A 157 -5.32 -16.09 35.58
CA GLY A 157 -5.28 -15.34 36.83
C GLY A 157 -3.89 -15.16 37.40
N ASN A 158 -2.88 -15.10 36.53
CA ASN A 158 -1.49 -14.88 36.94
C ASN A 158 -1.14 -13.45 36.55
N GLN A 159 -1.25 -12.53 37.51
CA GLN A 159 -1.10 -11.11 37.21
C GLN A 159 0.36 -10.68 37.15
N TRP A 160 1.24 -11.24 37.99
CA TRP A 160 2.64 -10.87 37.94
C TRP A 160 3.31 -11.31 36.65
N ILE A 161 2.75 -12.33 35.98
CA ILE A 161 3.28 -12.73 34.68
C ILE A 161 2.68 -11.86 33.59
N TYR A 162 1.41 -11.48 33.72
CA TYR A 162 0.82 -10.56 32.75
C TYR A 162 1.60 -9.25 32.69
N GLU A 163 1.83 -8.63 33.85
CA GLU A 163 2.60 -7.39 33.86
C GLU A 163 4.04 -7.60 33.44
N LEU A 164 4.60 -8.79 33.71
CA LEU A 164 5.94 -9.10 33.24
C LEU A 164 6.00 -9.13 31.73
N LEU A 165 5.12 -9.91 31.11
CA LEU A 165 5.07 -9.99 29.65
C LEU A 165 4.57 -8.69 29.01
N GLU A 166 3.85 -7.87 29.77
CA GLU A 166 3.44 -6.56 29.26
C GLU A 166 4.64 -5.63 29.17
N LYS A 167 5.45 -5.57 30.22
CA LYS A 167 6.68 -4.78 30.19
C LYS A 167 7.62 -5.30 29.11
N ALA A 168 7.68 -6.62 28.93
CA ALA A 168 8.56 -7.19 27.91
C ALA A 168 8.20 -6.65 26.53
N GLU A 169 6.91 -6.59 26.21
CA GLU A 169 6.48 -6.10 24.90
C GLU A 169 6.70 -4.60 24.78
N LYS A 170 6.42 -3.84 25.85
CA LYS A 170 6.66 -2.41 25.82
C LYS A 170 8.14 -2.09 25.70
N ASP A 171 9.01 -2.93 26.29
CA ASP A 171 10.44 -2.69 26.21
C ASP A 171 10.96 -2.90 24.79
N LEU A 172 10.38 -3.86 24.06
CA LEU A 172 10.81 -4.13 22.70
C LEU A 172 10.48 -2.97 21.76
N ARG A 173 9.38 -2.26 22.02
CA ARG A 173 9.00 -1.12 21.18
C ARG A 173 10.15 -0.11 21.10
N ARG A 174 10.53 0.44 22.25
CA ARG A 174 11.59 1.46 22.26
C ARG A 174 12.89 0.91 21.68
N LYS A 175 13.17 -0.37 21.92
CA LYS A 175 14.40 -0.96 21.41
C LYS A 175 14.41 -1.02 19.89
N LEU A 176 13.29 -1.45 19.29
CA LEU A 176 13.22 -1.51 17.84
C LEU A 176 13.33 -0.13 17.22
N LEU A 177 12.66 0.87 17.80
CA LEU A 177 12.76 2.23 17.28
C LEU A 177 14.19 2.75 17.37
N GLU A 178 14.88 2.46 18.48
CA GLU A 178 16.26 2.91 18.62
C GLU A 178 17.20 2.12 17.71
N ALA A 179 16.89 0.85 17.45
CA ALA A 179 17.75 0.05 16.58
C ALA A 179 17.60 0.48 15.13
N ALA A 180 16.37 0.65 14.66
CA ALA A 180 16.16 1.15 13.31
C ALA A 180 16.82 2.50 13.11
N ARG A 181 16.67 3.40 14.08
CA ARG A 181 17.29 4.72 13.99
C ARG A 181 18.81 4.62 14.00
N ALA A 182 19.36 3.82 14.92
CA ALA A 182 20.80 3.70 15.04
C ALA A 182 21.42 3.01 13.84
N GLY A 183 20.68 2.10 13.21
CA GLY A 183 21.19 1.38 12.05
C GLY A 183 21.80 0.03 12.38
N HIS A 184 21.27 -0.67 13.38
CA HIS A 184 21.79 -1.98 13.79
C HIS A 184 20.88 -3.04 13.17
N ARG A 185 21.22 -3.45 11.94
CA ARG A 185 20.39 -4.44 11.25
C ARG A 185 20.25 -5.71 12.06
N GLU A 186 21.38 -6.29 12.49
CA GLU A 186 21.34 -7.52 13.27
C GLU A 186 20.40 -7.38 14.45
N GLU A 187 20.53 -6.29 15.21
CA GLU A 187 19.69 -6.09 16.37
C GLU A 187 18.22 -5.99 15.99
N VAL A 188 17.92 -5.35 14.85
CA VAL A 188 16.54 -5.24 14.40
C VAL A 188 15.98 -6.62 14.06
N GLU A 189 16.76 -7.43 13.32
CA GLU A 189 16.32 -8.79 13.02
C GLU A 189 16.08 -9.59 14.29
N LYS A 190 16.88 -9.32 15.33
CA LYS A 190 16.72 -10.05 16.60
C LYS A 190 15.44 -9.63 17.30
N LEU A 191 15.24 -8.32 17.47
CA LEU A 191 14.03 -7.84 18.13
C LEU A 191 12.77 -8.35 17.44
N ILE A 192 12.74 -8.26 16.11
CA ILE A 192 11.59 -8.78 15.36
C ILE A 192 11.35 -10.24 15.68
N LYS A 193 12.42 -11.04 15.77
CA LYS A 193 12.27 -12.44 16.12
C LYS A 193 11.91 -12.63 17.59
N LEU A 194 12.17 -11.64 18.44
CA LEU A 194 11.78 -11.70 19.83
C LEU A 194 10.34 -11.29 20.06
N GLY A 195 9.65 -10.80 19.04
CA GLY A 195 8.27 -10.40 19.15
C GLY A 195 8.00 -8.91 19.00
N ALA A 196 8.95 -8.14 18.46
CA ALA A 196 8.78 -6.70 18.39
C ALA A 196 7.73 -6.32 17.35
N ASP A 197 6.96 -5.29 17.67
CA ASP A 197 5.89 -4.81 16.78
C ASP A 197 6.47 -3.79 15.81
N VAL A 198 6.63 -4.21 14.55
CA VAL A 198 7.26 -3.36 13.55
C VAL A 198 6.45 -2.12 13.21
N ASN A 199 5.18 -2.07 13.63
CA ASN A 199 4.33 -0.92 13.34
C ASN A 199 4.06 -0.07 14.58
N THR A 200 4.95 -0.13 15.56
CA THR A 200 4.87 0.79 16.69
C THR A 200 5.30 2.19 16.24
N ALA A 201 4.84 3.21 16.97
CA ALA A 201 5.12 4.60 16.63
C ALA A 201 5.51 5.37 17.88
N ASP A 202 6.29 6.43 17.66
CA ASP A 202 6.76 7.28 18.75
C ASP A 202 5.73 8.39 19.00
N GLU A 203 6.15 9.42 19.76
CA GLU A 203 5.21 10.48 20.13
C GLU A 203 4.74 11.28 18.92
N THR A 204 5.59 11.44 17.91
CA THR A 204 5.25 12.24 16.73
C THR A 204 4.70 11.40 15.58
N GLY A 205 4.69 10.08 15.71
CA GLY A 205 4.15 9.20 14.69
C GLY A 205 5.18 8.48 13.84
N PHE A 206 6.46 8.70 14.08
CA PHE A 206 7.49 7.96 13.36
C PHE A 206 7.44 6.49 13.74
N THR A 207 7.26 5.63 12.73
CA THR A 207 7.45 4.20 12.89
C THR A 207 8.92 3.86 12.67
N PRO A 208 9.32 2.63 12.97
CA PRO A 208 10.70 2.25 12.65
C PRO A 208 11.02 2.41 11.18
N LEU A 209 10.02 2.26 10.32
CA LEU A 209 10.23 2.46 8.89
C LEU A 209 10.52 3.92 8.58
N HIS A 210 9.80 4.85 9.21
CA HIS A 210 10.13 6.26 9.08
C HIS A 210 11.59 6.51 9.42
N LEU A 211 12.02 6.07 10.61
CA LEU A 211 13.38 6.31 11.06
C LEU A 211 14.39 5.65 10.14
N ALA A 212 14.13 4.42 9.71
CA ALA A 212 15.04 3.72 8.82
C ALA A 212 15.20 4.48 7.50
N ALA A 213 14.09 4.95 6.93
CA ALA A 213 14.15 5.70 5.68
C ALA A 213 14.87 7.04 5.88
N TRP A 214 14.55 7.73 6.98
CA TRP A 214 15.16 9.03 7.24
C TRP A 214 16.67 8.91 7.41
N GLU A 215 17.13 7.90 8.15
CA GLU A 215 18.55 7.75 8.43
C GLU A 215 19.32 7.06 7.31
N GLY A 216 18.63 6.49 6.33
CA GLY A 216 19.30 5.88 5.19
C GLY A 216 19.82 4.49 5.47
N HIS A 217 19.00 3.63 6.05
CA HIS A 217 19.37 2.25 6.37
C HIS A 217 18.57 1.30 5.46
N LEU A 218 19.12 1.02 4.29
CA LEU A 218 18.41 0.21 3.31
C LEU A 218 18.09 -1.18 3.87
N GLY A 219 19.11 -1.86 4.41
CA GLY A 219 18.88 -3.20 4.92
C GLY A 219 17.75 -3.28 5.91
N ILE A 220 17.66 -2.29 6.81
CA ILE A 220 16.61 -2.29 7.81
C ILE A 220 15.26 -2.04 7.16
N VAL A 221 15.20 -1.14 6.18
CA VAL A 221 13.96 -0.89 5.45
C VAL A 221 13.44 -2.19 4.83
N GLU A 222 14.32 -2.89 4.09
CA GLU A 222 13.91 -4.14 3.46
C GLU A 222 13.40 -5.14 4.50
N VAL A 223 14.09 -5.26 5.63
CA VAL A 223 13.68 -6.21 6.66
C VAL A 223 12.30 -5.85 7.20
N LEU A 224 12.12 -4.57 7.59
CA LEU A 224 10.85 -4.15 8.15
C LEU A 224 9.71 -4.40 7.18
N LEU A 225 9.94 -4.17 5.88
CA LEU A 225 8.91 -4.40 4.89
C LEU A 225 8.64 -5.90 4.71
N LYS A 226 9.70 -6.72 4.75
CA LYS A 226 9.51 -8.16 4.68
C LYS A 226 8.61 -8.64 5.82
N ASN A 227 8.79 -8.09 7.01
CA ASN A 227 8.04 -8.50 8.19
C ASN A 227 6.74 -7.71 8.37
N GLY A 228 6.23 -7.09 7.32
CA GLY A 228 4.88 -6.54 7.35
C GLY A 228 4.76 -5.12 7.86
N ALA A 229 5.81 -4.31 7.76
CA ALA A 229 5.70 -2.92 8.18
C ALA A 229 4.83 -2.14 7.20
N ASP A 230 4.05 -1.21 7.73
CA ASP A 230 3.13 -0.41 6.92
C ASP A 230 3.94 0.60 6.10
N VAL A 231 3.96 0.41 4.78
CA VAL A 231 4.80 1.25 3.92
C VAL A 231 4.30 2.68 3.82
N ASN A 232 3.00 2.90 4.07
CA ASN A 232 2.40 4.23 3.94
C ASN A 232 1.93 4.78 5.28
N ALA A 233 2.63 4.43 6.36
CA ALA A 233 2.33 4.98 7.67
C ALA A 233 2.41 6.50 7.61
N ASN A 234 1.45 7.17 8.25
CA ASN A 234 1.39 8.61 8.33
C ASN A 234 1.70 9.06 9.74
N ASP A 235 2.61 10.02 9.89
CA ASP A 235 2.87 10.60 11.19
C ASP A 235 1.98 11.84 11.36
N GLU A 236 2.11 12.50 12.51
CA GLU A 236 1.10 13.48 12.93
C GLU A 236 0.99 14.66 11.96
N ARG A 237 1.98 14.86 11.08
CA ARG A 237 1.90 15.91 10.07
C ARG A 237 1.73 15.35 8.67
N GLY A 238 1.41 14.06 8.54
CA GLY A 238 1.07 13.49 7.25
C GLY A 238 2.25 13.00 6.43
N HIS A 239 3.44 12.90 7.01
CA HIS A 239 4.61 12.44 6.29
C HIS A 239 4.68 10.92 6.31
N THR A 240 5.11 10.35 5.19
CA THR A 240 5.27 8.92 5.01
C THR A 240 6.74 8.60 4.78
N PRO A 241 7.13 7.34 4.93
CA PRO A 241 8.55 7.00 4.72
C PRO A 241 9.07 7.48 3.38
N LEU A 242 8.22 7.50 2.35
CA LEU A 242 8.66 7.99 1.04
C LEU A 242 9.05 9.45 1.11
N HIS A 243 8.21 10.28 1.76
CA HIS A 243 8.58 11.68 1.98
C HIS A 243 9.99 11.80 2.51
N LEU A 244 10.34 10.96 3.50
CA LEU A 244 11.63 11.07 4.16
C LEU A 244 12.77 10.57 3.26
N ALA A 245 12.51 9.53 2.48
CA ALA A 245 13.52 9.05 1.53
C ALA A 245 13.74 10.07 0.42
N ALA A 246 12.67 10.70 -0.06
CA ALA A 246 12.80 11.72 -1.10
C ALA A 246 13.55 12.94 -0.56
N TYR A 247 13.27 13.34 0.68
CA TYR A 247 13.98 14.47 1.28
C TYR A 247 15.48 14.20 1.35
N THR A 248 15.88 13.15 2.09
CA THR A 248 17.30 12.88 2.28
C THR A 248 17.99 12.52 0.97
N GLY A 249 17.27 11.87 0.06
CA GLY A 249 17.80 11.55 -1.24
C GLY A 249 18.36 10.16 -1.41
N HIS A 250 17.80 9.17 -0.72
CA HIS A 250 18.29 7.79 -0.83
C HIS A 250 17.55 7.11 -1.97
N LEU A 251 18.23 6.98 -3.12
CA LEU A 251 17.59 6.43 -4.31
C LEU A 251 17.04 5.04 -4.05
N GLU A 252 17.89 4.12 -3.59
CA GLU A 252 17.50 2.72 -3.51
C GLU A 252 16.34 2.51 -2.54
N ILE A 253 16.28 3.29 -1.46
CA ILE A 253 15.17 3.17 -0.53
C ILE A 253 13.87 3.64 -1.21
N VAL A 254 13.94 4.71 -1.99
CA VAL A 254 12.78 5.15 -2.75
C VAL A 254 12.29 4.03 -3.66
N GLU A 255 13.21 3.38 -4.37
CA GLU A 255 12.83 2.32 -5.29
C GLU A 255 12.17 1.15 -4.54
N VAL A 256 12.70 0.79 -3.37
CA VAL A 256 12.14 -0.33 -2.63
C VAL A 256 10.77 0.04 -2.07
N LEU A 257 10.63 1.25 -1.51
CA LEU A 257 9.35 1.68 -0.98
C LEU A 257 8.26 1.64 -2.06
N LEU A 258 8.59 2.12 -3.26
CA LEU A 258 7.63 2.07 -4.37
C LEU A 258 7.38 0.63 -4.80
N LYS A 259 8.44 -0.17 -4.87
CA LYS A 259 8.29 -1.59 -5.22
C LYS A 259 7.35 -2.30 -4.25
N ASN A 260 7.23 -1.80 -3.02
CA ASN A 260 6.38 -2.41 -2.01
C ASN A 260 5.04 -1.69 -1.86
N GLY A 261 4.70 -0.81 -2.80
CA GLY A 261 3.39 -0.19 -2.82
C GLY A 261 3.29 1.18 -2.17
N ALA A 262 4.39 1.90 -2.03
CA ALA A 262 4.33 3.22 -1.41
C ALA A 262 3.52 4.18 -2.27
N GLY A 263 2.88 5.13 -1.62
CA GLY A 263 2.09 6.14 -2.31
C GLY A 263 2.94 7.22 -2.91
N VAL A 264 3.00 7.28 -4.25
CA VAL A 264 3.92 8.18 -4.92
C VAL A 264 3.43 9.64 -4.82
N ASN A 265 2.13 9.84 -4.69
CA ASN A 265 1.54 11.18 -4.70
C ASN A 265 0.99 11.59 -3.34
N ALA A 266 1.44 10.94 -2.26
CA ALA A 266 1.00 11.33 -0.92
C ALA A 266 1.39 12.76 -0.62
N THR A 267 0.55 13.44 0.17
CA THR A 267 0.77 14.83 0.52
C THR A 267 0.66 15.01 2.03
N ASP A 268 1.55 15.84 2.58
CA ASP A 268 1.50 16.19 3.99
C ASP A 268 0.50 17.33 4.18
N VAL A 269 0.46 17.91 5.37
CA VAL A 269 -0.53 18.94 5.68
C VAL A 269 -0.29 20.23 4.89
N ILE A 270 0.93 20.47 4.42
CA ILE A 270 1.22 21.65 3.61
C ILE A 270 0.94 21.42 2.13
N GLY A 271 0.52 20.22 1.75
CA GLY A 271 0.36 19.87 0.36
C GLY A 271 1.62 19.39 -0.31
N THR A 272 2.70 19.19 0.44
CA THR A 272 3.98 18.79 -0.14
C THR A 272 3.99 17.29 -0.42
N ALA A 273 4.52 16.91 -1.57
CA ALA A 273 4.60 15.52 -1.99
C ALA A 273 6.06 15.14 -2.19
N PRO A 274 6.37 13.84 -2.25
CA PRO A 274 7.78 13.44 -2.46
C PRO A 274 8.41 14.11 -3.67
N LEU A 275 7.64 14.38 -4.71
CA LEU A 275 8.21 15.02 -5.90
C LEU A 275 8.63 16.44 -5.60
N HIS A 276 7.87 17.15 -4.76
CA HIS A 276 8.30 18.48 -4.33
C HIS A 276 9.66 18.42 -3.65
N LEU A 277 9.82 17.50 -2.70
CA LEU A 277 11.08 17.39 -1.96
C LEU A 277 12.24 17.05 -2.89
N ALA A 278 12.05 16.04 -3.75
CA ALA A 278 13.12 15.64 -4.67
C ALA A 278 13.51 16.79 -5.59
N ALA A 279 12.52 17.48 -6.17
CA ALA A 279 12.82 18.62 -7.03
C ALA A 279 13.42 19.76 -6.23
N MET A 280 12.87 20.05 -5.06
CA MET A 280 13.44 21.06 -4.16
C MET A 280 14.92 20.82 -3.93
N TRP A 281 15.30 19.58 -3.62
CA TRP A 281 16.63 19.28 -3.11
C TRP A 281 17.58 18.73 -4.18
N GLY A 282 17.16 18.70 -5.44
CA GLY A 282 18.08 18.36 -6.50
C GLY A 282 18.44 16.88 -6.57
N HIS A 283 17.47 16.00 -6.37
CA HIS A 283 17.68 14.56 -6.46
C HIS A 283 17.16 14.10 -7.81
N LEU A 284 17.95 14.36 -8.85
CA LEU A 284 17.52 14.07 -10.22
C LEU A 284 17.06 12.63 -10.37
N GLU A 285 17.90 11.68 -9.95
CA GLU A 285 17.56 10.27 -10.12
C GLU A 285 16.23 9.92 -9.46
N ILE A 286 16.01 10.42 -8.25
CA ILE A 286 14.76 10.14 -7.54
C ILE A 286 13.57 10.73 -8.31
N VAL A 287 13.70 11.97 -8.77
CA VAL A 287 12.64 12.58 -9.56
C VAL A 287 12.27 11.67 -10.74
N GLU A 288 13.28 11.18 -11.45
CA GLU A 288 13.03 10.33 -12.61
C GLU A 288 12.32 9.04 -12.21
N VAL A 289 12.64 8.50 -11.03
CA VAL A 289 11.96 7.30 -10.56
C VAL A 289 10.52 7.60 -10.18
N LEU A 290 10.31 8.70 -9.44
CA LEU A 290 8.97 9.07 -9.02
C LEU A 290 8.05 9.26 -10.23
N LEU A 291 8.58 9.83 -11.32
CA LEU A 291 7.77 10.04 -12.51
C LEU A 291 7.47 8.73 -13.21
N LYS A 292 8.45 7.82 -13.26
CA LYS A 292 8.22 6.50 -13.85
C LYS A 292 7.19 5.71 -13.07
N ASN A 293 6.99 6.01 -11.79
CA ASN A 293 6.02 5.31 -10.96
C ASN A 293 4.70 6.07 -10.83
N GLY A 294 4.47 7.07 -11.66
CA GLY A 294 3.18 7.73 -11.72
C GLY A 294 3.03 8.95 -10.85
N ALA A 295 4.11 9.70 -10.61
CA ALA A 295 4.01 10.92 -9.83
C ALA A 295 3.35 12.02 -10.65
N ALA A 296 2.72 12.96 -9.95
CA ALA A 296 1.95 14.04 -10.59
C ALA A 296 2.81 15.29 -10.64
N VAL A 297 2.99 15.84 -11.85
CA VAL A 297 3.84 17.00 -12.04
C VAL A 297 3.12 18.31 -11.76
N GLY A 298 1.79 18.32 -11.75
CA GLY A 298 1.03 19.53 -11.55
C GLY A 298 0.59 19.79 -10.13
N ALA A 299 1.00 18.95 -9.18
CA ALA A 299 0.58 19.12 -7.79
C ALA A 299 1.12 20.42 -7.22
N GLN A 300 0.23 21.23 -6.66
CA GLN A 300 0.59 22.50 -6.04
C GLN A 300 0.51 22.38 -4.53
N ASP A 301 1.49 22.94 -3.83
CA ASP A 301 1.52 22.93 -2.38
C ASP A 301 0.72 24.12 -1.85
N LYS A 302 0.80 24.35 -0.54
CA LYS A 302 0.05 25.43 0.08
C LYS A 302 0.40 26.79 -0.53
N PHE A 303 1.65 26.97 -0.95
CA PHE A 303 2.10 28.23 -1.52
C PHE A 303 1.81 28.35 -3.02
N GLY A 304 1.10 27.39 -3.60
CA GLY A 304 0.89 27.38 -5.04
C GLY A 304 2.10 26.95 -5.85
N LYS A 305 3.12 26.40 -5.19
CA LYS A 305 4.33 25.97 -5.88
C LYS A 305 4.20 24.52 -6.32
N THR A 306 4.67 24.23 -7.52
CA THR A 306 4.80 22.88 -8.03
C THR A 306 6.23 22.42 -7.94
N PRO A 307 6.49 21.12 -8.08
CA PRO A 307 7.89 20.66 -8.13
C PRO A 307 8.71 21.38 -9.18
N LYS A 308 8.10 21.69 -10.32
CA LYS A 308 8.80 22.47 -11.34
C LYS A 308 9.17 23.85 -10.83
N ASP A 309 8.27 24.46 -10.03
CA ASP A 309 8.55 25.80 -9.50
C ASP A 309 9.71 25.75 -8.50
N LEU A 310 9.65 24.83 -7.54
CA LEU A 310 10.72 24.71 -6.56
C LEU A 310 12.05 24.46 -7.24
N ALA A 311 12.06 23.59 -8.25
CA ALA A 311 13.28 23.36 -9.03
C ALA A 311 13.78 24.67 -9.63
N ARG A 312 12.88 25.44 -10.24
CA ARG A 312 13.29 26.68 -10.89
C ARG A 312 13.73 27.72 -9.86
N ASP A 313 13.03 27.79 -8.73
CA ASP A 313 13.39 28.76 -7.70
C ASP A 313 14.72 28.42 -7.05
N ASN A 314 15.00 27.13 -6.88
CA ASN A 314 16.22 26.69 -6.22
C ASN A 314 17.37 26.45 -7.18
N GLY A 315 17.17 26.67 -8.48
CA GLY A 315 18.27 26.63 -9.43
C GLY A 315 18.70 25.26 -9.89
N ASN A 316 17.79 24.29 -9.89
CA ASN A 316 18.09 22.93 -10.36
C ASN A 316 17.65 22.83 -11.82
N GLN A 317 18.55 23.20 -12.72
CA GLN A 317 18.18 23.33 -14.14
C GLN A 317 17.76 21.97 -14.72
N TRP A 318 18.55 20.92 -14.45
CA TRP A 318 18.30 19.64 -15.08
C TRP A 318 16.92 19.09 -14.71
N ILE A 319 16.54 19.20 -13.44
CA ILE A 319 15.23 18.75 -13.02
C ILE A 319 14.14 19.62 -13.65
N TYR A 320 14.36 20.93 -13.70
CA TYR A 320 13.40 21.82 -14.35
C TYR A 320 13.18 21.44 -15.81
N GLU A 321 14.27 21.23 -16.55
CA GLU A 321 14.17 20.75 -17.92
C GLU A 321 13.35 19.47 -18.00
N LEU A 322 13.65 18.51 -17.11
CA LEU A 322 12.97 17.22 -17.15
C LEU A 322 11.48 17.38 -16.85
N LEU A 323 11.15 18.06 -15.75
CA LEU A 323 9.75 18.22 -15.38
C LEU A 323 8.97 19.00 -16.43
N GLU A 324 9.60 19.98 -17.08
CA GLU A 324 8.91 20.72 -18.13
C GLU A 324 8.60 19.81 -19.31
N LYS A 325 9.55 18.95 -19.71
CA LYS A 325 9.28 18.01 -20.79
C LYS A 325 8.22 17.00 -20.40
N ALA A 326 8.13 16.66 -19.11
CA ALA A 326 7.09 15.74 -18.66
C ALA A 326 5.70 16.37 -18.81
N GLU A 327 5.57 17.65 -18.46
CA GLU A 327 4.30 18.34 -18.63
C GLU A 327 3.97 18.54 -20.11
N LYS A 328 4.99 18.85 -20.92
CA LYS A 328 4.77 18.99 -22.36
C LYS A 328 4.32 17.67 -22.98
N ASP A 329 4.88 16.55 -22.51
CA ASP A 329 4.48 15.26 -23.04
C ASP A 329 3.06 14.90 -22.66
N LEU A 330 2.59 15.37 -21.50
CA LEU A 330 1.24 15.07 -21.06
C LEU A 330 0.19 15.75 -21.94
N ARG A 331 0.48 16.95 -22.44
CA ARG A 331 -0.44 17.62 -23.34
C ARG A 331 -0.68 16.79 -24.59
N ARG A 332 0.39 16.40 -25.28
CA ARG A 332 0.26 15.59 -26.48
C ARG A 332 -0.53 14.32 -26.19
N LYS A 333 -0.22 13.63 -25.10
CA LYS A 333 -0.91 12.38 -24.77
C LYS A 333 -2.39 12.63 -24.55
N LEU A 334 -2.74 13.70 -23.84
CA LEU A 334 -4.15 13.95 -23.52
C LEU A 334 -4.95 14.26 -24.78
N LEU A 335 -4.38 15.03 -25.71
CA LEU A 335 -5.10 15.38 -26.93
C LEU A 335 -5.34 14.15 -27.79
N GLU A 336 -4.36 13.26 -27.89
CA GLU A 336 -4.51 12.07 -28.72
C GLU A 336 -5.50 11.08 -28.09
N ALA A 337 -5.44 10.92 -26.76
CA ALA A 337 -6.38 10.04 -26.10
C ALA A 337 -7.82 10.49 -26.29
N ALA A 338 -8.04 11.80 -26.41
CA ALA A 338 -9.39 12.30 -26.62
C ALA A 338 -9.87 12.00 -28.04
N ARG A 339 -8.98 12.14 -29.03
CA ARG A 339 -9.35 11.84 -30.41
C ARG A 339 -9.70 10.36 -30.57
N ALA A 340 -8.75 9.48 -30.24
CA ALA A 340 -8.96 8.05 -30.43
C ALA A 340 -10.09 7.53 -29.55
N GLY A 341 -10.26 8.10 -28.37
CA GLY A 341 -11.34 7.71 -27.48
C GLY A 341 -10.99 6.54 -26.58
N HIS A 342 -10.09 6.77 -25.62
CA HIS A 342 -9.69 5.75 -24.65
C HIS A 342 -9.92 6.32 -23.26
N ARG A 343 -11.04 5.95 -22.64
CA ARG A 343 -11.42 6.55 -21.36
C ARG A 343 -10.40 6.21 -20.28
N GLU A 344 -10.01 4.94 -20.17
CA GLU A 344 -9.05 4.55 -19.15
C GLU A 344 -7.73 5.31 -19.27
N GLU A 345 -7.36 5.69 -20.49
CA GLU A 345 -6.13 6.46 -20.67
C GLU A 345 -6.35 7.94 -20.42
N VAL A 346 -7.56 8.44 -20.64
CA VAL A 346 -7.86 9.84 -20.34
C VAL A 346 -7.96 10.06 -18.84
N GLU A 347 -8.64 9.15 -18.13
CA GLU A 347 -8.69 9.24 -16.68
C GLU A 347 -7.28 9.21 -16.08
N LYS A 348 -6.45 8.28 -16.54
CA LYS A 348 -5.08 8.18 -16.05
C LYS A 348 -4.32 9.49 -16.28
N LEU A 349 -4.31 9.97 -17.52
CA LEU A 349 -3.48 11.13 -17.86
C LEU A 349 -3.86 12.35 -17.03
N ILE A 350 -5.17 12.56 -16.81
CA ILE A 350 -5.60 13.69 -16.00
C ILE A 350 -5.05 13.58 -14.58
N LYS A 351 -5.01 12.36 -14.05
CA LYS A 351 -4.54 12.17 -12.68
C LYS A 351 -3.07 12.56 -12.53
N LEU A 352 -2.29 12.45 -13.61
CA LEU A 352 -0.87 12.80 -13.58
C LEU A 352 -0.63 14.30 -13.62
N GLY A 353 -1.67 15.11 -13.77
CA GLY A 353 -1.52 16.54 -13.80
C GLY A 353 -1.59 17.17 -15.18
N ALA A 354 -2.26 16.53 -16.14
CA ALA A 354 -2.35 17.08 -17.48
C ALA A 354 -3.27 18.29 -17.50
N ASP A 355 -2.89 19.29 -18.29
CA ASP A 355 -3.66 20.53 -18.39
C ASP A 355 -4.90 20.27 -19.24
N VAL A 356 -6.09 20.34 -18.62
CA VAL A 356 -7.32 20.10 -19.36
C VAL A 356 -7.60 21.22 -20.34
N ASN A 357 -7.17 22.44 -20.02
CA ASN A 357 -7.41 23.59 -20.89
C ASN A 357 -6.30 23.81 -21.90
N THR A 358 -5.47 22.80 -22.16
CA THR A 358 -4.46 22.93 -23.19
C THR A 358 -5.10 22.90 -24.57
N ALA A 359 -4.34 23.33 -25.57
CA ALA A 359 -4.84 23.42 -26.93
C ALA A 359 -3.70 23.20 -27.91
N ASP A 360 -4.04 22.62 -29.06
CA ASP A 360 -3.06 22.40 -30.12
C ASP A 360 -2.78 23.71 -30.86
N GLU A 361 -2.24 23.61 -32.07
CA GLU A 361 -1.88 24.82 -32.80
C GLU A 361 -3.11 25.58 -33.30
N THR A 362 -4.17 24.85 -33.67
CA THR A 362 -5.37 25.47 -34.21
C THR A 362 -6.35 25.91 -33.13
N GLY A 363 -6.04 25.67 -31.86
CA GLY A 363 -6.90 26.09 -30.77
C GLY A 363 -7.84 25.03 -30.25
N PHE A 364 -7.76 23.81 -30.76
CA PHE A 364 -8.65 22.73 -30.31
C PHE A 364 -8.18 22.20 -28.96
N THR A 365 -9.06 22.22 -27.99
CA THR A 365 -8.81 21.64 -26.67
C THR A 365 -9.29 20.19 -26.66
N PRO A 366 -8.88 19.41 -25.65
CA PRO A 366 -9.34 18.00 -25.61
C PRO A 366 -10.84 17.87 -25.50
N LEU A 367 -11.56 18.92 -25.08
CA LEU A 367 -13.01 18.86 -25.07
C LEU A 367 -13.57 18.99 -26.48
N HIS A 368 -12.94 19.82 -27.31
CA HIS A 368 -13.32 19.89 -28.72
C HIS A 368 -13.23 18.51 -29.38
N LEU A 369 -12.05 17.88 -29.26
CA LEU A 369 -11.84 16.59 -29.91
C LEU A 369 -12.86 15.56 -29.44
N ALA A 370 -13.11 15.50 -28.13
CA ALA A 370 -14.09 14.55 -27.61
C ALA A 370 -15.49 14.83 -28.15
N ALA A 371 -15.81 16.11 -28.38
CA ALA A 371 -17.12 16.46 -28.90
C ALA A 371 -17.25 16.09 -30.38
N TRP A 372 -16.20 16.32 -31.16
CA TRP A 372 -16.28 16.09 -32.60
C TRP A 372 -16.31 14.60 -32.93
N GLU A 373 -15.45 13.81 -32.28
CA GLU A 373 -15.35 12.39 -32.60
C GLU A 373 -16.46 11.56 -31.95
N GLY A 374 -17.24 12.15 -31.04
CA GLY A 374 -18.40 11.46 -30.50
C GLY A 374 -18.08 10.43 -29.43
N HIS A 375 -17.20 10.76 -28.49
CA HIS A 375 -16.84 9.85 -27.40
C HIS A 375 -17.57 10.33 -26.16
N LEU A 376 -18.82 9.87 -26.01
CA LEU A 376 -19.66 10.33 -24.91
C LEU A 376 -19.02 10.05 -23.56
N GLY A 377 -18.36 8.90 -23.42
CA GLY A 377 -17.78 8.54 -22.13
C GLY A 377 -16.65 9.46 -21.71
N ILE A 378 -15.86 9.95 -22.66
CA ILE A 378 -14.74 10.83 -22.34
C ILE A 378 -15.18 12.27 -22.15
N VAL A 379 -16.35 12.65 -22.68
CA VAL A 379 -16.88 13.98 -22.41
C VAL A 379 -17.22 14.13 -20.94
N GLU A 380 -17.65 13.05 -20.29
CA GLU A 380 -18.04 13.13 -18.88
C GLU A 380 -16.85 13.42 -17.98
N VAL A 381 -15.72 12.74 -18.22
CA VAL A 381 -14.57 12.90 -17.34
C VAL A 381 -13.93 14.26 -17.53
N LEU A 382 -13.79 14.71 -18.79
CA LEU A 382 -13.17 16.00 -19.05
C LEU A 382 -13.89 17.13 -18.35
N LEU A 383 -15.22 17.05 -18.30
CA LEU A 383 -16.00 18.05 -17.57
C LEU A 383 -15.85 17.89 -16.06
N LYS A 384 -15.72 16.65 -15.59
CA LYS A 384 -15.61 16.40 -14.16
C LYS A 384 -14.34 17.00 -13.58
N ASN A 385 -13.33 17.26 -14.40
CA ASN A 385 -12.06 17.82 -13.94
C ASN A 385 -11.88 19.27 -14.40
N GLY A 386 -12.98 20.02 -14.44
CA GLY A 386 -12.93 21.44 -14.72
C GLY A 386 -12.35 21.80 -16.08
N ALA A 387 -13.09 21.51 -17.14
CA ALA A 387 -12.72 21.92 -18.48
C ALA A 387 -13.55 23.13 -18.90
N ASP A 388 -12.96 23.99 -19.72
CA ASP A 388 -13.63 25.20 -20.15
C ASP A 388 -14.75 24.87 -21.13
N VAL A 389 -15.96 25.39 -20.87
CA VAL A 389 -17.10 25.06 -21.70
C VAL A 389 -17.16 25.98 -22.92
N ASN A 390 -16.83 27.26 -22.74
CA ASN A 390 -16.83 28.22 -23.85
C ASN A 390 -15.41 28.43 -24.36
N ALA A 391 -14.81 27.34 -24.83
CA ALA A 391 -13.48 27.38 -25.42
C ALA A 391 -13.60 27.67 -26.92
N ASN A 392 -12.90 28.70 -27.37
CA ASN A 392 -12.97 29.14 -28.76
C ASN A 392 -11.66 28.82 -29.47
N ASP A 393 -11.78 28.22 -30.65
CA ASP A 393 -10.62 27.97 -31.49
C ASP A 393 -10.05 29.30 -31.99
N GLU A 394 -9.01 29.21 -32.83
CA GLU A 394 -8.54 30.37 -33.55
C GLU A 394 -9.58 30.93 -34.50
N ARG A 395 -10.63 30.16 -34.78
CA ARG A 395 -11.74 30.60 -35.63
C ARG A 395 -13.05 30.70 -34.86
N GLY A 396 -13.02 30.58 -33.54
CA GLY A 396 -14.18 30.89 -32.72
C GLY A 396 -15.20 29.79 -32.57
N HIS A 397 -14.80 28.53 -32.70
CA HIS A 397 -15.71 27.40 -32.55
C HIS A 397 -15.62 26.84 -31.14
N THR A 398 -16.78 26.48 -30.59
CA THR A 398 -16.89 25.84 -29.29
C THR A 398 -17.29 24.38 -29.46
N PRO A 399 -17.16 23.56 -28.41
CA PRO A 399 -17.51 22.15 -28.52
C PRO A 399 -18.96 21.91 -28.90
N LEU A 400 -19.87 22.87 -28.64
CA LEU A 400 -21.26 22.69 -29.02
C LEU A 400 -21.46 22.82 -30.52
N HIS A 401 -20.60 23.59 -31.20
CA HIS A 401 -20.59 23.58 -32.66
C HIS A 401 -20.26 22.19 -33.18
N LEU A 402 -19.28 21.52 -32.57
CA LEU A 402 -18.82 20.23 -33.06
C LEU A 402 -19.83 19.12 -32.77
N ALA A 403 -20.57 19.22 -31.67
CA ALA A 403 -21.58 18.22 -31.36
C ALA A 403 -22.85 18.42 -32.18
N ALA A 404 -23.17 19.67 -32.53
CA ALA A 404 -24.30 19.92 -33.41
C ALA A 404 -23.99 19.49 -34.84
N TYR A 405 -22.75 19.68 -35.27
CA TYR A 405 -22.34 19.27 -36.61
C TYR A 405 -22.47 17.76 -36.79
N THR A 406 -22.05 16.99 -35.78
CA THR A 406 -22.05 15.54 -35.90
C THR A 406 -23.48 14.98 -35.88
N GLY A 407 -24.24 15.28 -34.83
CA GLY A 407 -25.56 14.72 -34.64
C GLY A 407 -25.72 13.92 -33.36
N HIS A 408 -24.70 13.85 -32.51
CA HIS A 408 -24.79 13.06 -31.28
C HIS A 408 -25.77 13.73 -30.32
N LEU A 409 -26.80 13.00 -29.91
CA LEU A 409 -27.81 13.55 -29.02
C LEU A 409 -27.30 13.63 -27.59
N GLU A 410 -26.83 12.51 -27.04
CA GLU A 410 -26.48 12.44 -25.63
C GLU A 410 -25.23 13.25 -25.30
N ILE A 411 -24.46 13.70 -26.29
CA ILE A 411 -23.34 14.59 -26.02
C ILE A 411 -23.80 16.05 -25.96
N VAL A 412 -24.74 16.43 -26.82
CA VAL A 412 -25.31 17.78 -26.75
C VAL A 412 -26.03 17.98 -25.42
N GLU A 413 -26.71 16.93 -24.94
CA GLU A 413 -27.41 17.03 -23.66
C GLU A 413 -26.43 17.31 -22.52
N VAL A 414 -25.32 16.58 -22.48
CA VAL A 414 -24.36 16.74 -21.40
C VAL A 414 -23.71 18.12 -21.45
N LEU A 415 -23.45 18.63 -22.66
CA LEU A 415 -22.78 19.90 -22.80
C LEU A 415 -23.63 21.04 -22.24
N LEU A 416 -24.91 21.10 -22.63
CA LEU A 416 -25.77 22.18 -22.18
C LEU A 416 -26.05 22.14 -20.70
N LYS A 417 -25.94 20.97 -20.06
CA LYS A 417 -26.16 20.88 -18.62
C LYS A 417 -25.09 21.66 -17.85
N ASN A 418 -23.92 21.85 -18.44
CA ASN A 418 -22.84 22.61 -17.82
C ASN A 418 -22.82 24.07 -18.30
N GLY A 419 -23.92 24.55 -18.87
CA GLY A 419 -24.00 25.92 -19.34
C GLY A 419 -23.18 26.15 -20.60
N ALA A 420 -23.61 25.56 -21.72
CA ALA A 420 -22.94 25.74 -23.00
C ALA A 420 -23.53 26.95 -23.71
N GLY A 421 -22.65 27.79 -24.24
CA GLY A 421 -23.08 29.01 -24.92
C GLY A 421 -23.97 28.72 -26.12
N VAL A 422 -25.18 29.28 -26.11
CA VAL A 422 -26.13 29.03 -27.19
C VAL A 422 -26.00 30.09 -28.29
N ASN A 423 -25.76 31.35 -27.91
CA ASN A 423 -25.63 32.44 -28.87
C ASN A 423 -24.19 32.68 -29.29
N ALA A 424 -23.25 31.87 -28.83
CA ALA A 424 -21.86 32.01 -29.25
C ALA A 424 -21.72 31.64 -30.71
N THR A 425 -20.97 32.44 -31.45
CA THR A 425 -20.77 32.25 -32.88
C THR A 425 -19.30 32.12 -33.19
N ASP A 426 -19.00 31.67 -34.41
CA ASP A 426 -17.64 31.63 -34.90
C ASP A 426 -17.32 32.98 -35.56
N VAL A 427 -16.23 33.04 -36.33
CA VAL A 427 -15.89 34.26 -37.04
C VAL A 427 -16.83 34.50 -38.21
N ILE A 428 -17.45 33.44 -38.75
CA ILE A 428 -18.43 33.61 -39.81
C ILE A 428 -19.73 34.19 -39.28
N GLY A 429 -20.02 34.03 -37.99
CA GLY A 429 -21.32 34.37 -37.47
C GLY A 429 -22.24 33.19 -37.40
N THR A 430 -21.69 31.97 -37.33
CA THR A 430 -22.48 30.74 -37.36
C THR A 430 -22.63 30.20 -35.94
N ALA A 431 -23.87 30.04 -35.50
CA ALA A 431 -24.20 29.46 -34.21
C ALA A 431 -24.56 27.99 -34.37
N PRO A 432 -24.61 27.25 -33.25
CA PRO A 432 -24.91 25.81 -33.36
C PRO A 432 -26.26 25.52 -34.01
N LEU A 433 -27.22 26.44 -33.92
CA LEU A 433 -28.53 26.20 -34.51
C LEU A 433 -28.45 26.15 -36.03
N HIS A 434 -27.56 26.95 -36.64
CA HIS A 434 -27.36 26.87 -38.08
C HIS A 434 -26.97 25.46 -38.50
N LEU A 435 -26.13 24.80 -37.70
CA LEU A 435 -25.58 23.51 -38.10
C LEU A 435 -26.65 22.42 -38.08
N ALA A 436 -27.26 22.18 -36.92
CA ALA A 436 -28.23 21.09 -36.81
C ALA A 436 -29.36 21.25 -37.82
N ALA A 437 -29.75 22.49 -38.14
CA ALA A 437 -30.79 22.70 -39.14
C ALA A 437 -30.33 22.35 -40.55
N MET A 438 -29.02 22.34 -40.80
CA MET A 438 -28.49 22.11 -42.13
C MET A 438 -28.17 20.64 -42.41
N TRP A 439 -27.86 19.87 -41.36
CA TRP A 439 -27.44 18.48 -41.52
C TRP A 439 -28.50 17.50 -41.03
N GLY A 440 -29.75 17.94 -40.91
CA GLY A 440 -30.84 17.06 -40.55
C GLY A 440 -30.70 16.43 -39.18
N HIS A 441 -30.81 17.26 -38.14
CA HIS A 441 -30.77 16.80 -36.75
C HIS A 441 -31.92 17.48 -36.00
N LEU A 442 -33.14 17.03 -36.30
CA LEU A 442 -34.33 17.63 -35.71
C LEU A 442 -34.26 17.62 -34.18
N GLU A 443 -33.88 16.48 -33.60
CA GLU A 443 -33.86 16.38 -32.15
C GLU A 443 -32.91 17.40 -31.53
N ILE A 444 -31.76 17.64 -32.16
CA ILE A 444 -30.84 18.65 -31.66
C ILE A 444 -31.45 20.04 -31.80
N VAL A 445 -32.16 20.29 -32.91
CA VAL A 445 -32.78 21.60 -33.11
C VAL A 445 -33.77 21.89 -31.97
N GLU A 446 -34.48 20.85 -31.52
CA GLU A 446 -35.48 21.07 -30.46
C GLU A 446 -34.81 21.34 -29.12
N VAL A 447 -33.71 20.66 -28.83
CA VAL A 447 -33.00 20.88 -27.56
C VAL A 447 -32.36 22.26 -27.55
N LEU A 448 -31.93 22.76 -28.71
CA LEU A 448 -31.33 24.09 -28.76
C LEU A 448 -32.34 25.17 -28.44
N LEU A 449 -33.53 25.08 -29.04
CA LEU A 449 -34.57 26.08 -28.78
C LEU A 449 -35.05 26.05 -27.33
N LYS A 450 -34.87 24.93 -26.63
CA LYS A 450 -35.27 24.87 -25.23
C LYS A 450 -34.44 25.83 -24.37
N ASN A 451 -33.18 26.04 -24.73
CA ASN A 451 -32.30 26.92 -23.96
C ASN A 451 -32.15 28.28 -24.63
N GLY A 452 -33.28 28.85 -25.05
CA GLY A 452 -33.29 30.18 -25.61
C GLY A 452 -32.31 30.41 -26.75
N ALA A 453 -32.38 29.56 -27.77
CA ALA A 453 -31.53 29.73 -28.95
C ALA A 453 -32.15 30.78 -29.88
N ASP A 454 -31.32 31.74 -30.31
CA ASP A 454 -31.80 32.83 -31.14
C ASP A 454 -31.99 32.38 -32.59
N VAL A 455 -32.96 33.00 -33.26
CA VAL A 455 -33.25 32.71 -34.65
C VAL A 455 -33.02 33.89 -35.57
N ASN A 456 -32.85 35.10 -35.04
CA ASN A 456 -32.68 36.28 -35.88
C ASN A 456 -31.24 36.57 -36.25
N ALA A 457 -30.28 36.04 -35.50
CA ALA A 457 -28.87 36.27 -35.80
C ALA A 457 -28.54 35.68 -37.16
N GLN A 458 -28.02 36.52 -38.05
CA GLN A 458 -27.73 36.12 -39.43
C GLN A 458 -26.22 35.99 -39.63
N ASP A 459 -25.85 35.20 -40.63
CA ASP A 459 -24.46 34.89 -40.91
C ASP A 459 -23.76 36.09 -41.55
N LYS A 460 -22.49 35.88 -41.90
CA LYS A 460 -21.80 36.84 -42.77
C LYS A 460 -22.55 37.01 -44.08
N PHE A 461 -23.15 35.93 -44.59
CA PHE A 461 -23.92 36.00 -45.82
C PHE A 461 -25.25 36.71 -45.64
N GLY A 462 -25.64 37.02 -44.41
CA GLY A 462 -26.97 37.56 -44.16
C GLY A 462 -28.05 36.52 -44.06
N LYS A 463 -27.68 35.24 -43.95
CA LYS A 463 -28.65 34.15 -43.90
C LYS A 463 -28.82 33.67 -42.46
N THR A 464 -30.06 33.66 -41.99
CA THR A 464 -30.38 33.19 -40.66
C THR A 464 -30.53 31.68 -40.66
N PRO A 465 -30.67 31.05 -39.48
CA PRO A 465 -30.86 29.60 -39.47
C PRO A 465 -32.09 29.15 -40.23
N PHE A 466 -33.14 29.97 -40.25
CA PHE A 466 -34.32 29.66 -41.06
C PHE A 466 -33.99 29.69 -42.54
N ASP A 467 -33.45 30.82 -43.01
CA ASP A 467 -33.01 30.92 -44.41
C ASP A 467 -32.13 29.73 -44.80
N LEU A 468 -31.37 29.21 -43.85
CA LEU A 468 -30.48 28.08 -44.12
C LEU A 468 -31.24 26.77 -44.23
N ALA A 469 -32.22 26.55 -43.35
CA ALA A 469 -32.96 25.30 -43.36
C ALA A 469 -33.74 25.13 -44.67
N ILE A 470 -34.31 26.22 -45.19
CA ILE A 470 -35.11 26.11 -46.40
C ILE A 470 -34.22 25.83 -47.61
N ASP A 471 -32.96 26.26 -47.57
CA ASP A 471 -32.05 26.03 -48.69
C ASP A 471 -31.56 24.60 -48.74
N ASN A 472 -31.40 23.95 -47.58
CA ASN A 472 -30.93 22.57 -47.56
C ASN A 472 -32.08 21.60 -47.87
N GLY A 473 -33.28 21.91 -47.38
CA GLY A 473 -34.45 21.11 -47.68
C GLY A 473 -34.79 20.09 -46.62
N ASN A 474 -34.95 20.55 -45.38
CA ASN A 474 -35.37 19.69 -44.26
C ASN A 474 -36.83 20.00 -43.97
N GLU A 475 -37.71 19.03 -44.25
CA GLU A 475 -39.14 19.25 -44.09
C GLU A 475 -39.50 19.54 -42.64
N ASP A 476 -39.17 18.60 -41.74
CA ASP A 476 -39.58 18.74 -40.35
C ASP A 476 -38.95 19.96 -39.70
N ILE A 477 -37.71 20.27 -40.05
CA ILE A 477 -36.99 21.38 -39.41
C ILE A 477 -37.53 22.72 -39.88
N ALA A 478 -37.79 22.86 -41.17
CA ALA A 478 -38.20 24.16 -41.72
C ALA A 478 -39.42 24.71 -40.98
N GLU A 479 -40.40 23.86 -40.69
CA GLU A 479 -41.61 24.34 -40.05
C GLU A 479 -41.39 24.66 -38.58
N VAL A 480 -40.57 23.85 -37.89
CA VAL A 480 -40.34 24.07 -36.47
C VAL A 480 -39.64 25.41 -36.22
N LEU A 481 -38.76 25.82 -37.14
CA LEU A 481 -38.04 27.08 -36.95
C LEU A 481 -38.96 28.28 -37.10
N GLN A 482 -39.83 28.26 -38.12
CA GLN A 482 -40.72 29.39 -38.36
C GLN A 482 -41.60 29.68 -37.16
N LYS A 483 -41.96 28.65 -36.39
CA LYS A 483 -42.83 28.84 -35.24
C LYS A 483 -42.26 29.87 -34.27
N ALA A 484 -41.10 29.57 -33.71
CA ALA A 484 -40.47 30.47 -32.75
C ALA A 484 -39.62 31.51 -33.48
#